data_8BVS
#
_entry.id   8BVS
#
_cell.length_a   1.00
_cell.length_b   1.00
_cell.length_c   1.00
_cell.angle_alpha   90.00
_cell.angle_beta   90.00
_cell.angle_gamma   90.00
#
_symmetry.space_group_name_H-M   'P 1'
#
loop_
_entity.id
_entity.type
_entity.pdbx_description
1 polymer 'Solute carrier family 22 member 6'
2 polymer 'Synthetic nanobody (Sybody)'
3 non-polymer '[2-(6-AMINO-9H-PURIN-9-YL)-1-METHYLETHOXY]METHYLPHOSPHONIC ACID'
4 non-polymer 'CHLORIDE ION'
#
loop_
_entity_poly.entity_id
_entity_poly.type
_entity_poly.pdbx_seq_one_letter_code
_entity_poly.pdbx_strand_id
1 'polypeptide(L)'
;MAFNDLLKQVGGVGRFQLIQVTMVVAPLLLMASHNTLQNFTAAIPPHHCRPPANANLSKDGGLEAWLPLDKQGQPESCLR
FTSPQWGPPFYNGTEANGTRVTEPCIDGWVYDNSTFPSTIVTEWNLVCSHRAFRQLAQSLYMVGVLLGAMVFGYLADRLG
RRKVLILNYLQTAVSGTCAAYAPNYTVYCVFRLLSGMSLASIAINCMTLNVEWMPIHTRAYVGTLIGYVYSLGQFLLAGI
AYAVPHWRHLQLVVSVPFFIAFIYSWFFIESARWYSSSGRLDLTLRALQRVARINGKQEEGAKLSIEVLRTSLQKELTLS
KGQASAMELLRCPTLRHLFLCLSMLWFATSFAYYGLVMDLQGFGVSMYLIQVIFGAVDLPAKFVCFLVINSMGRRPAQMA
SLLLAGICILVNGIIPKSHTIIRTSLAVLGKGCLASSFNCIFLYTGELYPTVIRQTGLGMGSTMARVGSIVSPLVSMTAE
FYPSMPLFIFGAVPVVASAVTALLPETLGQPLPDTVQDLKSRSRGKQNQQQQEQQKQMMPLENLYFQ
;
A
2 'polypeptide(L)'
;MAGSSSQVQLVESGGGLVQAGGSLRLSCAASGFPVKTEWMEWYRQAPGKEREWVAAIWSYGSGTRYADSVKGRFTISRDN
AKNTVYLQMNSLKPEDTAVYYCLVRVGSWYHGQGTQVTVSAGRAGEQKLISEEDLNSAVDHHHHHH
;
B
#
loop_
_chem_comp.id
_chem_comp.type
_chem_comp.name
_chem_comp.formula
CL non-polymer 'CHLORIDE ION' 'Cl -1'
TFO DNA linking '[2-(6-AMINO-9H-PURIN-9-YL)-1-METHYLETHOXY]METHYLPHOSPHONIC ACID' 'C9 H14 N5 O4 P'
#
# COMPACT_ATOMS: atom_id res chain seq x y z
N MET A 1 42.94 18.57 7.24
CA MET A 1 43.13 17.53 8.24
C MET A 1 41.82 17.22 8.95
N ALA A 2 41.17 16.13 8.54
CA ALA A 2 39.91 15.70 9.14
C ALA A 2 39.75 14.20 8.89
N PHE A 3 38.55 13.69 9.16
CA PHE A 3 38.27 12.29 8.88
C PHE A 3 38.40 11.99 7.40
N ASN A 4 37.92 12.90 6.55
CA ASN A 4 38.05 12.71 5.11
C ASN A 4 39.50 12.67 4.68
N ASP A 5 40.37 13.40 5.38
CA ASP A 5 41.79 13.35 5.05
C ASP A 5 42.33 11.93 5.21
N LEU A 6 42.05 11.31 6.36
CA LEU A 6 42.49 9.94 6.57
C LEU A 6 41.84 8.98 5.58
N LEU A 7 40.54 9.17 5.31
CA LEU A 7 39.86 8.27 4.40
C LEU A 7 40.46 8.33 3.00
N LYS A 8 40.77 9.53 2.52
CA LYS A 8 41.43 9.67 1.23
C LYS A 8 42.84 9.10 1.26
N GLN A 9 43.54 9.27 2.38
CA GLN A 9 44.88 8.70 2.51
C GLN A 9 44.85 7.18 2.38
N VAL A 10 43.88 6.54 3.04
CA VAL A 10 43.76 5.09 2.94
C VAL A 10 43.29 4.68 1.56
N GLY A 11 42.28 5.37 1.03
CA GLY A 11 41.71 5.00 -0.25
C GLY A 11 40.42 5.73 -0.57
N GLY A 12 39.39 4.99 -0.96
CA GLY A 12 38.12 5.56 -1.33
C GLY A 12 37.51 4.84 -2.50
N VAL A 13 38.36 4.20 -3.31
CA VAL A 13 37.94 3.40 -4.45
C VAL A 13 38.39 1.96 -4.34
N GLY A 14 39.09 1.60 -3.27
CA GLY A 14 39.65 0.27 -3.14
C GLY A 14 38.58 -0.79 -2.95
N ARG A 15 39.07 -2.04 -2.80
CA ARG A 15 38.16 -3.19 -2.74
C ARG A 15 37.22 -3.10 -1.55
N PHE A 16 37.66 -2.52 -0.44
CA PHE A 16 36.80 -2.44 0.75
C PHE A 16 35.56 -1.60 0.47
N GLN A 17 35.75 -0.39 -0.04
CA GLN A 17 34.64 0.53 -0.22
C GLN A 17 33.65 0.04 -1.27
N LEU A 18 34.01 -0.95 -2.07
CA LEU A 18 33.04 -1.59 -2.96
C LEU A 18 32.39 -2.80 -2.32
N ILE A 19 33.19 -3.68 -1.73
CA ILE A 19 32.66 -4.94 -1.21
C ILE A 19 31.73 -4.68 -0.02
N GLN A 20 32.18 -3.88 0.94
CA GLN A 20 31.35 -3.60 2.11
C GLN A 20 30.07 -2.88 1.70
N VAL A 21 30.19 -1.90 0.81
CA VAL A 21 29.02 -1.13 0.40
C VAL A 21 28.01 -2.03 -0.31
N THR A 22 28.48 -2.85 -1.25
CA THR A 22 27.56 -3.70 -1.98
C THR A 22 26.94 -4.76 -1.08
N MET A 23 27.71 -5.28 -0.12
CA MET A 23 27.15 -6.27 0.80
C MET A 23 26.06 -5.63 1.65
N VAL A 24 26.30 -4.42 2.15
CA VAL A 24 25.31 -3.80 3.04
C VAL A 24 24.11 -3.25 2.28
N VAL A 25 24.23 -2.96 0.98
CA VAL A 25 23.09 -2.48 0.21
C VAL A 25 22.40 -3.59 -0.58
N ALA A 26 22.92 -4.80 -0.57
CA ALA A 26 22.21 -5.91 -1.22
C ALA A 26 20.80 -6.14 -0.67
N PRO A 27 20.54 -6.12 0.64
CA PRO A 27 19.19 -6.45 1.10
C PRO A 27 18.16 -5.35 0.88
N LEU A 28 18.49 -4.29 0.15
CA LEU A 28 17.46 -3.29 -0.14
C LEU A 28 16.45 -3.83 -1.14
N LEU A 29 16.85 -4.79 -1.96
CA LEU A 29 15.88 -5.50 -2.79
C LEU A 29 14.77 -6.10 -1.92
N LEU A 30 15.16 -6.83 -0.88
CA LEU A 30 14.18 -7.39 0.02
C LEU A 30 13.52 -6.33 0.90
N MET A 31 14.19 -5.20 1.12
CA MET A 31 13.51 -4.04 1.71
C MET A 31 12.24 -3.70 0.93
N ALA A 32 12.40 -3.44 -0.37
CA ALA A 32 11.24 -3.10 -1.18
C ALA A 32 10.24 -4.25 -1.22
N SER A 33 10.75 -5.48 -1.38
CA SER A 33 9.86 -6.63 -1.45
C SER A 33 9.02 -6.77 -0.20
N HIS A 34 9.65 -6.65 0.97
CA HIS A 34 8.92 -6.80 2.23
C HIS A 34 7.95 -5.65 2.45
N ASN A 35 8.33 -4.43 2.05
CA ASN A 35 7.44 -3.30 2.22
C ASN A 35 6.17 -3.47 1.40
N THR A 36 6.28 -3.97 0.16
CA THR A 36 5.11 -4.08 -0.69
C THR A 36 4.41 -5.43 -0.55
N LEU A 37 5.04 -6.40 0.11
CA LEU A 37 4.59 -7.79 0.04
C LEU A 37 3.14 -7.98 0.44
N GLN A 38 2.62 -7.13 1.32
CA GLN A 38 1.25 -7.30 1.81
C GLN A 38 0.25 -7.30 0.66
N ASN A 39 0.59 -6.67 -0.46
CA ASN A 39 -0.30 -6.69 -1.62
C ASN A 39 -0.41 -8.08 -2.22
N PHE A 40 0.69 -8.83 -2.24
CA PHE A 40 0.69 -10.16 -2.86
C PHE A 40 0.33 -11.27 -1.88
N THR A 41 0.70 -11.13 -0.61
CA THR A 41 0.40 -12.15 0.37
C THR A 41 -0.97 -11.97 1.02
N ALA A 42 -1.73 -10.94 0.63
CA ALA A 42 -3.05 -10.71 1.21
C ALA A 42 -4.06 -10.30 0.15
N ALA A 43 -3.91 -10.79 -1.06
CA ALA A 43 -4.85 -10.46 -2.13
C ALA A 43 -6.16 -11.21 -1.93
N ILE A 44 -7.27 -10.49 -2.04
CA ILE A 44 -8.59 -11.08 -1.85
C ILE A 44 -9.04 -11.76 -3.15
N PRO A 45 -9.29 -13.06 -3.14
CA PRO A 45 -9.86 -13.71 -4.31
C PRO A 45 -11.37 -13.65 -4.28
N PRO A 46 -12.04 -13.84 -5.43
CA PRO A 46 -13.50 -13.88 -5.42
C PRO A 46 -14.01 -14.96 -4.47
N HIS A 47 -15.06 -14.61 -3.73
CA HIS A 47 -15.54 -15.48 -2.66
C HIS A 47 -17.04 -15.28 -2.49
N HIS A 48 -17.68 -16.26 -1.86
CA HIS A 48 -19.11 -16.18 -1.61
C HIS A 48 -19.44 -17.08 -0.43
N CYS A 49 -20.62 -16.85 0.14
CA CYS A 49 -21.08 -17.64 1.27
C CYS A 49 -21.20 -19.11 0.87
N ARG A 50 -20.86 -20.00 1.79
CA ARG A 50 -20.94 -21.43 1.49
C ARG A 50 -22.30 -21.96 1.91
N PRO A 51 -23.03 -22.63 1.01
CA PRO A 51 -24.29 -23.24 1.41
C PRO A 51 -24.05 -24.31 2.45
N PRO A 52 -25.01 -24.53 3.36
CA PRO A 52 -24.81 -25.52 4.41
C PRO A 52 -24.64 -26.92 3.85
N ALA A 53 -23.83 -27.72 4.54
CA ALA A 53 -23.54 -29.07 4.08
C ALA A 53 -24.77 -29.96 4.11
N ASN A 54 -25.71 -29.69 5.02
CA ASN A 54 -26.91 -30.52 5.10
C ASN A 54 -27.74 -30.41 3.82
N ALA A 55 -27.85 -29.21 3.26
CA ALA A 55 -28.61 -29.02 2.04
C ALA A 55 -27.96 -29.78 0.88
N ASN A 56 -28.80 -30.40 0.06
CA ASN A 56 -28.33 -31.17 -1.09
C ASN A 56 -28.17 -30.24 -2.28
N LEU A 57 -26.92 -30.07 -2.74
CA LEU A 57 -26.67 -29.19 -3.87
C LEU A 57 -27.35 -29.69 -5.13
N SER A 58 -27.32 -31.01 -5.37
CA SER A 58 -27.96 -31.57 -6.55
C SER A 58 -29.47 -31.37 -6.50
N LYS A 59 -30.07 -31.56 -5.32
CA LYS A 59 -31.53 -31.45 -5.18
C LYS A 59 -32.00 -30.01 -5.04
N ASP A 60 -31.09 -29.06 -4.82
CA ASP A 60 -31.45 -27.65 -4.71
C ASP A 60 -31.15 -26.87 -5.98
N GLY A 61 -30.90 -27.56 -7.10
CA GLY A 61 -30.64 -26.86 -8.35
C GLY A 61 -29.31 -26.16 -8.43
N GLY A 62 -28.33 -26.60 -7.67
CA GLY A 62 -27.02 -25.99 -7.67
C GLY A 62 -26.88 -24.86 -6.67
N LEU A 63 -25.65 -24.37 -6.54
CA LEU A 63 -25.35 -23.31 -5.58
C LEU A 63 -25.98 -21.98 -5.95
N GLU A 64 -26.46 -21.82 -7.19
CA GLU A 64 -27.04 -20.55 -7.61
C GLU A 64 -28.30 -20.21 -6.82
N ALA A 65 -28.96 -21.21 -6.23
CA ALA A 65 -30.16 -20.94 -5.45
C ALA A 65 -29.83 -20.36 -4.07
N TRP A 66 -28.69 -20.73 -3.50
CA TRP A 66 -28.33 -20.30 -2.16
C TRP A 66 -27.52 -19.02 -2.13
N LEU A 67 -27.14 -18.47 -3.28
CA LEU A 67 -26.26 -17.30 -3.32
C LEU A 67 -26.94 -16.15 -4.05
N PRO A 68 -27.34 -15.08 -3.34
CA PRO A 68 -27.83 -13.90 -4.04
C PRO A 68 -26.75 -13.24 -4.87
N LEU A 69 -27.16 -12.61 -5.98
CA LEU A 69 -26.24 -12.06 -6.94
C LEU A 69 -26.16 -10.54 -6.82
N ASP A 70 -25.01 -9.99 -7.20
CA ASP A 70 -24.81 -8.55 -7.26
C ASP A 70 -24.84 -8.10 -8.73
N LYS A 71 -24.53 -6.82 -8.96
CA LYS A 71 -24.64 -6.26 -10.30
C LYS A 71 -23.68 -6.92 -11.27
N GLN A 72 -22.45 -7.19 -10.83
CA GLN A 72 -21.39 -7.68 -11.72
C GLN A 72 -21.54 -9.15 -12.09
N GLY A 73 -22.69 -9.76 -11.81
CA GLY A 73 -22.92 -11.15 -12.16
C GLY A 73 -22.28 -12.15 -11.25
N GLN A 74 -21.79 -11.73 -10.09
CA GLN A 74 -21.14 -12.62 -9.17
C GLN A 74 -22.00 -12.86 -7.94
N PRO A 75 -21.86 -14.01 -7.28
CA PRO A 75 -22.59 -14.23 -6.04
C PRO A 75 -22.15 -13.24 -4.96
N GLU A 76 -23.09 -12.90 -4.09
CA GLU A 76 -22.80 -11.96 -3.01
C GLU A 76 -21.71 -12.51 -2.11
N SER A 77 -20.81 -11.64 -1.67
CA SER A 77 -19.61 -12.05 -0.95
C SER A 77 -19.78 -12.09 0.56
N CYS A 78 -20.95 -11.71 1.09
CA CYS A 78 -21.11 -11.72 2.54
C CYS A 78 -22.42 -12.37 2.99
N LEU A 79 -23.43 -12.36 2.14
CA LEU A 79 -24.75 -12.83 2.50
C LEU A 79 -25.06 -14.17 1.84
N ARG A 80 -26.17 -14.77 2.27
CA ARG A 80 -26.66 -16.01 1.67
C ARG A 80 -28.13 -16.17 2.03
N PHE A 81 -28.84 -16.91 1.20
CA PHE A 81 -30.26 -17.15 1.44
C PHE A 81 -30.46 -18.15 2.57
N THR A 82 -31.60 -18.07 3.22
CA THR A 82 -31.95 -18.97 4.30
C THR A 82 -32.65 -20.23 3.83
N SER A 83 -32.92 -20.36 2.53
CA SER A 83 -33.60 -21.54 2.00
C SER A 83 -33.08 -21.92 0.62
N THR A 102 -33.14 -13.74 4.93
CA THR A 102 -31.83 -14.32 4.68
C THR A 102 -31.01 -14.41 5.94
N GLU A 103 -29.70 -14.60 5.79
CA GLU A 103 -28.82 -14.83 6.93
C GLU A 103 -27.36 -14.69 6.49
N PRO A 104 -26.50 -14.08 7.31
CA PRO A 104 -25.10 -13.95 6.94
C PRO A 104 -24.39 -15.30 6.94
N CYS A 105 -23.14 -15.27 6.46
CA CYS A 105 -22.32 -16.48 6.48
C CYS A 105 -22.19 -17.02 7.89
N ILE A 106 -22.45 -18.31 8.04
CA ILE A 106 -22.32 -18.96 9.34
C ILE A 106 -21.54 -20.26 9.19
N ASP A 107 -21.35 -20.68 7.94
CA ASP A 107 -20.66 -21.93 7.64
C ASP A 107 -19.33 -21.72 6.92
N GLY A 108 -18.74 -20.53 7.04
CA GLY A 108 -17.47 -20.26 6.42
C GLY A 108 -17.58 -19.56 5.08
N TRP A 109 -16.69 -19.89 4.16
CA TRP A 109 -16.65 -19.23 2.86
C TRP A 109 -16.05 -20.17 1.83
N VAL A 110 -16.24 -19.83 0.56
CA VAL A 110 -15.68 -20.58 -0.56
C VAL A 110 -14.84 -19.63 -1.38
N TYR A 111 -13.56 -19.98 -1.58
CA TYR A 111 -12.63 -19.15 -2.33
C TYR A 111 -12.17 -19.93 -3.56
N ASP A 112 -12.22 -19.29 -4.72
CA ASP A 112 -11.72 -19.92 -5.92
C ASP A 112 -10.20 -19.96 -5.91
N ASN A 113 -9.64 -21.01 -6.52
CA ASN A 113 -8.20 -21.21 -6.60
C ASN A 113 -7.67 -20.99 -8.01
N SER A 114 -8.39 -20.22 -8.84
CA SER A 114 -7.97 -20.04 -10.22
C SER A 114 -6.64 -19.30 -10.30
N THR A 115 -6.45 -18.28 -9.47
CA THR A 115 -5.24 -17.47 -9.53
C THR A 115 -4.51 -17.33 -8.20
N PHE A 116 -5.10 -17.76 -7.09
CA PHE A 116 -4.50 -17.61 -5.77
C PHE A 116 -4.64 -18.91 -5.00
N PRO A 117 -3.57 -19.70 -4.90
CA PRO A 117 -3.66 -20.94 -4.09
C PRO A 117 -4.06 -20.67 -2.65
N SER A 118 -3.54 -19.60 -2.05
CA SER A 118 -3.86 -19.27 -0.68
C SER A 118 -3.35 -17.87 -0.36
N THR A 119 -4.12 -17.13 0.42
CA THR A 119 -3.72 -15.84 0.95
C THR A 119 -4.23 -15.76 2.39
N ILE A 120 -3.80 -14.72 3.12
CA ILE A 120 -4.23 -14.61 4.50
C ILE A 120 -5.75 -14.44 4.59
N VAL A 121 -6.35 -13.76 3.61
CA VAL A 121 -7.81 -13.66 3.59
C VAL A 121 -8.42 -15.03 3.32
N THR A 122 -7.81 -15.82 2.44
CA THR A 122 -8.29 -17.17 2.22
C THR A 122 -8.13 -18.03 3.47
N GLU A 123 -7.00 -17.89 4.16
CA GLU A 123 -6.73 -18.75 5.30
C GLU A 123 -7.66 -18.43 6.47
N TRP A 124 -7.79 -17.15 6.81
CA TRP A 124 -8.49 -16.76 8.04
C TRP A 124 -9.74 -15.94 7.75
N ASN A 125 -10.31 -16.11 6.57
CA ASN A 125 -11.61 -15.55 6.17
C ASN A 125 -11.80 -14.12 6.66
N LEU A 126 -10.94 -13.24 6.17
CA LEU A 126 -11.04 -11.81 6.48
C LEU A 126 -11.92 -11.10 5.44
N VAL A 127 -13.19 -11.51 5.38
CA VAL A 127 -14.12 -10.99 4.40
C VAL A 127 -15.46 -10.70 5.08
N CYS A 128 -16.25 -9.84 4.44
CA CYS A 128 -17.56 -9.40 4.94
C CYS A 128 -17.35 -8.82 6.33
N SER A 129 -17.97 -9.35 7.37
CA SER A 129 -17.72 -8.87 8.72
C SER A 129 -16.28 -9.16 9.12
N HIS A 130 -15.68 -8.22 9.85
CA HIS A 130 -14.28 -8.32 10.24
C HIS A 130 -13.36 -8.46 9.03
N ARG A 131 -13.64 -7.68 7.99
CA ARG A 131 -12.74 -7.57 6.85
C ARG A 131 -11.68 -6.50 7.05
N ALA A 132 -11.73 -5.79 8.17
CA ALA A 132 -10.78 -4.72 8.45
C ALA A 132 -9.37 -5.23 8.69
N PHE A 133 -9.21 -6.52 9.01
CA PHE A 133 -7.93 -6.99 9.51
C PHE A 133 -6.89 -7.10 8.41
N ARG A 134 -7.30 -7.34 7.17
CA ARG A 134 -6.33 -7.44 6.08
C ARG A 134 -5.59 -6.13 5.86
N GLN A 135 -6.15 -5.00 6.31
CA GLN A 135 -5.46 -3.72 6.27
C GLN A 135 -4.92 -3.30 7.63
N LEU A 136 -5.57 -3.73 8.71
CA LEU A 136 -5.00 -3.50 10.04
C LEU A 136 -3.64 -4.18 10.17
N ALA A 137 -3.42 -5.28 9.46
CA ALA A 137 -2.12 -5.93 9.49
C ALA A 137 -1.03 -5.00 8.94
N GLN A 138 -1.29 -4.38 7.80
CA GLN A 138 -0.33 -3.44 7.24
C GLN A 138 -0.17 -2.22 8.14
N SER A 139 -1.25 -1.75 8.74
CA SER A 139 -1.15 -0.63 9.66
C SER A 139 -0.24 -0.96 10.83
N LEU A 140 -0.40 -2.16 11.40
CA LEU A 140 0.45 -2.57 12.52
C LEU A 140 1.90 -2.76 12.06
N TYR A 141 2.11 -3.27 10.85
CA TYR A 141 3.47 -3.39 10.34
C TYR A 141 4.13 -2.02 10.23
N MET A 142 3.38 -1.01 9.77
CA MET A 142 3.96 0.33 9.67
C MET A 142 4.17 0.94 11.05
N VAL A 143 3.30 0.63 12.02
CA VAL A 143 3.55 1.06 13.39
C VAL A 143 4.86 0.47 13.88
N GLY A 144 5.09 -0.81 13.59
CA GLY A 144 6.36 -1.42 13.92
C GLY A 144 7.52 -0.74 13.23
N VAL A 145 7.33 -0.35 11.97
CA VAL A 145 8.39 0.35 11.24
C VAL A 145 8.76 1.64 11.94
N LEU A 146 7.76 2.44 12.31
CA LEU A 146 8.05 3.71 12.97
C LEU A 146 8.72 3.49 14.32
N LEU A 147 8.19 2.57 15.12
CA LEU A 147 8.75 2.31 16.43
C LEU A 147 10.19 1.84 16.32
N GLY A 148 10.45 0.90 15.41
CA GLY A 148 11.81 0.44 15.20
C GLY A 148 12.72 1.55 14.74
N ALA A 149 12.25 2.38 13.80
CA ALA A 149 13.07 3.46 13.31
C ALA A 149 13.54 4.36 14.44
N MET A 150 12.59 4.86 15.25
CA MET A 150 12.98 5.82 16.28
C MET A 150 13.78 5.16 17.40
N VAL A 151 13.29 4.01 17.90
CA VAL A 151 13.94 3.38 19.04
C VAL A 151 15.33 2.89 18.68
N PHE A 152 15.47 2.27 17.51
CA PHE A 152 16.77 1.76 17.10
C PHE A 152 17.67 2.84 16.52
N GLY A 153 17.13 4.00 16.14
CA GLY A 153 18.00 5.14 15.92
C GLY A 153 18.65 5.58 17.22
N TYR A 154 17.86 5.66 18.29
CA TYR A 154 18.45 5.97 19.60
C TYR A 154 19.44 4.89 20.01
N LEU A 155 19.09 3.62 19.80
CA LEU A 155 19.98 2.53 20.18
C LEU A 155 21.27 2.53 19.36
N ALA A 156 21.18 2.85 18.07
CA ALA A 156 22.37 2.93 17.24
C ALA A 156 23.27 4.09 17.67
N ASP A 157 22.67 5.22 18.02
CA ASP A 157 23.45 6.33 18.54
C ASP A 157 24.16 5.94 19.83
N ARG A 158 23.46 5.20 20.71
CA ARG A 158 24.04 4.86 22.00
C ARG A 158 25.09 3.76 21.92
N LEU A 159 24.87 2.75 21.08
CA LEU A 159 25.61 1.50 21.14
C LEU A 159 26.57 1.27 19.98
N GLY A 160 26.13 1.48 18.75
CA GLY A 160 26.99 1.25 17.61
C GLY A 160 26.19 1.19 16.32
N ARG A 161 26.85 0.72 15.27
CA ARG A 161 26.22 0.54 13.97
C ARG A 161 26.24 -0.90 13.49
N ARG A 162 27.41 -1.54 13.52
CA ARG A 162 27.50 -2.93 13.06
C ARG A 162 26.65 -3.85 13.93
N LYS A 163 26.71 -3.66 15.25
CA LYS A 163 25.96 -4.52 16.15
C LYS A 163 24.45 -4.40 15.94
N VAL A 164 23.96 -3.17 15.85
CA VAL A 164 22.52 -2.98 15.68
C VAL A 164 22.09 -3.46 14.31
N LEU A 165 22.92 -3.26 13.29
CA LEU A 165 22.54 -3.74 11.96
C LEU A 165 22.47 -5.27 11.94
N ILE A 166 23.41 -5.94 12.61
CA ILE A 166 23.37 -7.40 12.69
C ILE A 166 22.12 -7.84 13.44
N LEU A 167 21.79 -7.15 14.54
CA LEU A 167 20.59 -7.49 15.29
C LEU A 167 19.34 -7.30 14.45
N ASN A 168 19.29 -6.23 13.65
CA ASN A 168 18.17 -6.03 12.74
C ASN A 168 18.09 -7.14 11.71
N TYR A 169 19.24 -7.56 11.19
CA TYR A 169 19.27 -8.67 10.24
C TYR A 169 18.59 -9.89 10.86
N LEU A 170 19.03 -10.26 12.05
CA LEU A 170 18.50 -11.46 12.70
C LEU A 170 17.03 -11.31 13.04
N GLN A 171 16.63 -10.15 13.57
CA GLN A 171 15.23 -9.96 13.93
C GLN A 171 14.34 -9.99 12.70
N THR A 172 14.79 -9.37 11.59
CA THR A 172 14.02 -9.42 10.36
C THR A 172 13.85 -10.85 9.88
N ALA A 173 14.94 -11.63 9.88
CA ALA A 173 14.84 -13.01 9.42
C ALA A 173 13.88 -13.82 10.30
N VAL A 174 14.03 -13.69 11.62
CA VAL A 174 13.20 -14.46 12.54
C VAL A 174 11.74 -14.05 12.41
N SER A 175 11.47 -12.75 12.34
CA SER A 175 10.10 -12.29 12.23
C SER A 175 9.48 -12.71 10.90
N GLY A 176 10.26 -12.68 9.82
CA GLY A 176 9.74 -13.14 8.54
C GLY A 176 9.35 -14.60 8.57
N THR A 177 10.24 -15.44 9.11
CA THR A 177 9.92 -16.87 9.20
C THR A 177 8.70 -17.11 10.09
N CYS A 178 8.68 -16.45 11.25
CA CYS A 178 7.57 -16.65 12.18
C CYS A 178 6.25 -16.18 11.60
N ALA A 179 6.25 -15.06 10.88
CA ALA A 179 5.04 -14.62 10.20
C ALA A 179 4.64 -15.59 9.09
N ALA A 180 5.62 -16.19 8.42
CA ALA A 180 5.31 -17.18 7.40
C ALA A 180 4.61 -18.38 8.01
N TYR A 181 5.04 -18.81 9.20
CA TYR A 181 4.39 -19.91 9.91
C TYR A 181 3.70 -19.33 11.15
N ALA A 182 2.49 -18.83 10.97
CA ALA A 182 1.74 -18.18 12.04
C ALA A 182 0.41 -18.90 12.26
N PRO A 183 0.14 -19.41 13.46
CA PRO A 183 -1.10 -20.15 13.68
C PRO A 183 -2.34 -19.27 13.64
N ASN A 184 -2.34 -18.21 14.44
CA ASN A 184 -3.47 -17.32 14.57
C ASN A 184 -3.23 -16.05 13.75
N TYR A 185 -4.13 -15.09 13.86
CA TYR A 185 -3.95 -13.82 13.17
C TYR A 185 -3.21 -12.80 14.03
N THR A 186 -3.46 -12.77 15.33
CA THR A 186 -2.76 -11.84 16.20
C THR A 186 -1.27 -12.15 16.21
N VAL A 187 -0.92 -13.43 16.13
CA VAL A 187 0.49 -13.81 15.98
C VAL A 187 1.05 -13.18 14.71
N TYR A 188 0.30 -13.25 13.61
CA TYR A 188 0.78 -12.67 12.36
C TYR A 188 0.97 -11.17 12.47
N CYS A 189 0.02 -10.48 13.11
CA CYS A 189 0.14 -9.04 13.24
C CYS A 189 1.34 -8.66 14.10
N VAL A 190 1.54 -9.35 15.22
CA VAL A 190 2.66 -9.03 16.10
C VAL A 190 3.99 -9.31 15.40
N PHE A 191 4.08 -10.42 14.66
CA PHE A 191 5.32 -10.70 13.96
C PHE A 191 5.57 -9.73 12.83
N ARG A 192 4.51 -9.25 12.16
CA ARG A 192 4.70 -8.19 11.18
C ARG A 192 5.18 -6.91 11.85
N LEU A 193 4.65 -6.61 13.05
CA LEU A 193 5.09 -5.43 13.77
C LEU A 193 6.58 -5.51 14.08
N LEU A 194 7.03 -6.67 14.55
CA LEU A 194 8.45 -6.82 14.84
C LEU A 194 9.30 -6.82 13.58
N SER A 195 8.76 -7.36 12.48
CA SER A 195 9.47 -7.30 11.21
C SER A 195 9.70 -5.86 10.78
N GLY A 196 8.67 -5.02 10.91
CA GLY A 196 8.87 -3.60 10.64
C GLY A 196 9.82 -2.95 11.61
N MET A 197 9.74 -3.35 12.88
CA MET A 197 10.65 -2.86 13.92
C MET A 197 12.09 -3.03 13.48
N SER A 198 12.43 -4.19 12.94
CA SER A 198 13.78 -4.41 12.45
C SER A 198 14.04 -3.78 11.08
N LEU A 199 13.00 -3.71 10.24
CA LEU A 199 13.22 -3.35 8.84
C LEU A 199 13.50 -1.86 8.69
N ALA A 200 12.80 -1.01 9.44
CA ALA A 200 13.13 0.41 9.39
C ALA A 200 14.55 0.65 9.87
N SER A 201 14.96 -0.08 10.91
CA SER A 201 16.30 0.10 11.46
C SER A 201 17.37 -0.33 10.46
N ILE A 202 17.19 -1.47 9.79
CA ILE A 202 18.18 -1.86 8.79
C ILE A 202 18.21 -0.86 7.65
N ALA A 203 17.04 -0.38 7.21
CA ALA A 203 17.01 0.57 6.11
C ALA A 203 17.78 1.84 6.44
N ILE A 204 17.58 2.38 7.64
CA ILE A 204 18.27 3.63 7.98
C ILE A 204 19.76 3.37 8.24
N ASN A 205 20.09 2.26 8.90
CA ASN A 205 21.48 2.03 9.30
C ASN A 205 22.37 1.68 8.11
N CYS A 206 21.83 0.99 7.10
CA CYS A 206 22.64 0.74 5.91
C CYS A 206 23.10 2.05 5.28
N MET A 207 22.17 2.99 5.12
CA MET A 207 22.53 4.28 4.54
C MET A 207 23.50 5.04 5.43
N THR A 208 23.27 5.02 6.75
CA THR A 208 24.16 5.79 7.63
C THR A 208 25.58 5.21 7.62
N LEU A 209 25.71 3.89 7.60
CA LEU A 209 27.04 3.29 7.55
C LEU A 209 27.71 3.56 6.22
N ASN A 210 26.97 3.47 5.11
CA ASN A 210 27.55 3.75 3.81
C ASN A 210 28.05 5.18 3.72
N VAL A 211 27.25 6.14 4.19
CA VAL A 211 27.68 7.54 4.13
C VAL A 211 28.72 7.87 5.18
N GLU A 212 28.89 7.04 6.21
CA GLU A 212 29.96 7.30 7.17
C GLU A 212 31.28 6.65 6.79
N TRP A 213 31.27 5.65 5.91
CA TRP A 213 32.50 4.99 5.49
C TRP A 213 32.91 5.39 4.06
N MET A 214 32.62 6.61 3.65
CA MET A 214 32.93 7.07 2.31
C MET A 214 33.27 8.55 2.37
N PRO A 215 34.01 9.06 1.38
CA PRO A 215 34.32 10.50 1.36
C PRO A 215 33.08 11.35 1.13
N ILE A 216 33.28 12.67 1.18
CA ILE A 216 32.17 13.60 1.04
C ILE A 216 31.59 13.54 -0.37
N HIS A 217 32.43 13.37 -1.38
CA HIS A 217 32.01 13.49 -2.77
C HIS A 217 31.48 12.19 -3.35
N THR A 218 30.94 11.30 -2.50
CA THR A 218 30.32 10.06 -2.98
C THR A 218 28.96 9.83 -2.36
N ARG A 219 28.44 10.76 -1.57
CA ARG A 219 27.12 10.59 -0.97
C ARG A 219 26.03 10.56 -2.04
N ALA A 220 26.16 11.40 -3.07
CA ALA A 220 25.20 11.36 -4.17
C ALA A 220 25.26 10.02 -4.88
N TYR A 221 26.46 9.48 -5.08
CA TYR A 221 26.59 8.15 -5.68
C TYR A 221 25.91 7.10 -4.82
N VAL A 222 26.09 7.19 -3.50
CA VAL A 222 25.46 6.22 -2.60
C VAL A 222 23.94 6.31 -2.68
N GLY A 223 23.41 7.53 -2.70
CA GLY A 223 21.96 7.69 -2.82
C GLY A 223 21.43 7.15 -4.13
N THR A 224 22.12 7.43 -5.23
CA THR A 224 21.69 6.91 -6.53
C THR A 224 21.73 5.39 -6.54
N LEU A 225 22.77 4.81 -5.95
CA LEU A 225 22.86 3.35 -5.88
C LEU A 225 21.72 2.78 -5.04
N ILE A 226 21.37 3.45 -3.94
CA ILE A 226 20.28 2.98 -3.11
C ILE A 226 18.97 3.00 -3.89
N GLY A 227 18.72 4.07 -4.63
CA GLY A 227 17.53 4.12 -5.46
C GLY A 227 17.50 3.03 -6.52
N TYR A 228 18.65 2.79 -7.15
CA TYR A 228 18.73 1.74 -8.17
C TYR A 228 18.43 0.37 -7.55
N VAL A 229 18.97 0.12 -6.37
CA VAL A 229 18.73 -1.16 -5.71
C VAL A 229 17.27 -1.28 -5.31
N TYR A 230 16.63 -0.18 -4.91
CA TYR A 230 15.20 -0.24 -4.61
C TYR A 230 14.38 -0.59 -5.84
N SER A 231 14.71 0.01 -6.99
CA SER A 231 14.00 -0.33 -8.22
C SER A 231 14.21 -1.80 -8.59
N LEU A 232 15.46 -2.27 -8.48
CA LEU A 232 15.73 -3.68 -8.72
C LEU A 232 14.96 -4.56 -7.73
N GLY A 233 14.73 -4.06 -6.52
CA GLY A 233 13.94 -4.81 -5.57
C GLY A 233 12.49 -4.91 -5.98
N GLN A 234 11.94 -3.84 -6.54
CA GLN A 234 10.60 -3.92 -7.12
C GLN A 234 10.55 -5.00 -8.21
N PHE A 235 11.55 -5.00 -9.10
CA PHE A 235 11.61 -6.03 -10.14
C PHE A 235 11.67 -7.43 -9.52
N LEU A 236 12.52 -7.60 -8.52
CA LEU A 236 12.71 -8.90 -7.91
C LEU A 236 11.43 -9.38 -7.22
N LEU A 237 10.71 -8.46 -6.57
CA LEU A 237 9.44 -8.84 -5.96
C LEU A 237 8.44 -9.27 -7.02
N ALA A 238 8.38 -8.55 -8.15
CA ALA A 238 7.48 -8.96 -9.22
C ALA A 238 7.80 -10.37 -9.69
N GLY A 239 9.08 -10.62 -9.98
CA GLY A 239 9.47 -11.94 -10.47
C GLY A 239 9.22 -13.04 -9.45
N ILE A 240 9.54 -12.78 -8.19
CA ILE A 240 9.38 -13.78 -7.15
C ILE A 240 7.91 -14.06 -6.87
N ALA A 241 7.05 -13.05 -7.04
CA ALA A 241 5.61 -13.28 -6.91
C ALA A 241 5.09 -14.09 -8.08
N TYR A 242 5.62 -13.84 -9.28
CA TYR A 242 5.22 -14.66 -10.42
C TYR A 242 5.64 -16.11 -10.21
N ALA A 243 6.84 -16.33 -9.67
CA ALA A 243 7.33 -17.70 -9.48
C ALA A 243 6.57 -18.41 -8.36
N VAL A 244 6.40 -17.73 -7.23
CA VAL A 244 5.81 -18.36 -6.04
C VAL A 244 4.50 -17.67 -5.68
N PRO A 245 3.35 -18.30 -5.93
CA PRO A 245 2.08 -17.66 -5.61
C PRO A 245 1.61 -17.91 -4.18
N HIS A 246 2.02 -19.03 -3.60
CA HIS A 246 1.55 -19.39 -2.28
C HIS A 246 2.15 -18.48 -1.22
N TRP A 247 1.31 -17.92 -0.36
CA TRP A 247 1.77 -16.92 0.60
C TRP A 247 2.72 -17.53 1.64
N ARG A 248 2.43 -18.74 2.09
CA ARG A 248 3.31 -19.38 3.07
C ARG A 248 4.71 -19.59 2.49
N HIS A 249 4.78 -20.01 1.23
CA HIS A 249 6.08 -20.14 0.58
C HIS A 249 6.66 -18.77 0.25
N LEU A 250 5.82 -17.81 -0.11
CA LEU A 250 6.32 -16.51 -0.54
C LEU A 250 7.01 -15.77 0.59
N GLN A 251 6.38 -15.71 1.76
CA GLN A 251 6.99 -15.01 2.88
C GLN A 251 8.30 -15.66 3.29
N LEU A 252 8.32 -16.99 3.36
CA LEU A 252 9.55 -17.68 3.75
C LEU A 252 10.66 -17.46 2.73
N VAL A 253 10.32 -17.50 1.44
CA VAL A 253 11.33 -17.35 0.41
C VAL A 253 11.85 -15.91 0.36
N VAL A 254 11.00 -14.94 0.69
CA VAL A 254 11.48 -13.55 0.73
C VAL A 254 12.15 -13.20 2.05
N SER A 255 12.05 -14.07 3.06
CA SER A 255 12.69 -13.79 4.34
C SER A 255 13.98 -14.58 4.57
N VAL A 256 14.16 -15.74 3.94
CA VAL A 256 15.35 -16.55 4.18
C VAL A 256 16.63 -15.94 3.61
N PRO A 257 16.62 -15.18 2.51
CA PRO A 257 17.87 -14.54 2.11
C PRO A 257 18.39 -13.57 3.15
N PHE A 258 17.50 -13.01 3.97
CA PHE A 258 17.96 -12.23 5.12
C PHE A 258 18.75 -13.11 6.08
N PHE A 259 18.32 -14.37 6.26
CA PHE A 259 19.07 -15.29 7.11
C PHE A 259 20.45 -15.59 6.52
N ILE A 260 20.52 -15.84 5.21
CA ILE A 260 21.83 -16.13 4.62
C ILE A 260 22.73 -14.89 4.68
N ALA A 261 22.14 -13.71 4.52
CA ALA A 261 22.92 -12.48 4.62
C ALA A 261 23.38 -12.23 6.05
N PHE A 262 22.58 -12.62 7.04
CA PHE A 262 23.03 -12.54 8.42
C PHE A 262 24.19 -13.50 8.67
N ILE A 263 24.13 -14.69 8.06
CA ILE A 263 25.23 -15.64 8.20
C ILE A 263 26.51 -15.06 7.60
N TYR A 264 26.40 -14.44 6.42
CA TYR A 264 27.57 -13.93 5.72
C TYR A 264 27.93 -12.47 6.06
N SER A 265 27.20 -11.82 6.96
CA SER A 265 27.44 -10.42 7.28
C SER A 265 28.18 -10.22 8.58
N TRP A 266 28.94 -11.21 9.03
CA TRP A 266 29.79 -11.03 10.19
C TRP A 266 31.16 -10.46 9.84
N PHE A 267 31.43 -10.22 8.57
CA PHE A 267 32.67 -9.60 8.12
C PHE A 267 32.57 -8.10 7.99
N PHE A 268 31.47 -7.50 8.47
CA PHE A 268 31.28 -6.06 8.37
C PHE A 268 32.33 -5.33 9.18
N ILE A 269 32.66 -4.12 8.74
CA ILE A 269 33.59 -3.24 9.44
C ILE A 269 32.78 -2.08 9.99
N GLU A 270 32.91 -1.83 11.29
CA GLU A 270 32.12 -0.81 11.97
C GLU A 270 32.47 0.58 11.45
N SER A 271 31.59 1.53 11.73
CA SER A 271 31.79 2.89 11.28
C SER A 271 32.89 3.56 12.10
N ALA A 272 33.96 3.99 11.44
CA ALA A 272 35.07 4.59 12.16
C ALA A 272 34.74 6.00 12.63
N ARG A 273 33.89 6.72 11.90
CA ARG A 273 33.52 8.07 12.30
C ARG A 273 32.81 8.08 13.65
N TRP A 274 31.82 7.19 13.82
CA TRP A 274 31.13 7.09 15.10
C TRP A 274 32.07 6.60 16.19
N TYR A 275 32.99 5.71 15.84
CA TYR A 275 33.98 5.23 16.81
C TYR A 275 34.82 6.38 17.33
N SER A 276 35.25 7.27 16.43
CA SER A 276 35.98 8.46 16.85
C SER A 276 35.09 9.40 17.64
N SER A 277 33.79 9.44 17.32
CA SER A 277 32.87 10.32 18.02
C SER A 277 32.61 9.89 19.46
N SER A 278 33.06 8.70 19.85
CA SER A 278 32.83 8.20 21.21
C SER A 278 33.87 8.70 22.21
N GLY A 279 34.82 9.52 21.78
CA GLY A 279 35.87 9.98 22.67
C GLY A 279 37.00 9.01 22.87
N ARG A 280 37.04 7.92 22.10
CA ARG A 280 38.03 6.87 22.23
C ARG A 280 38.56 6.52 20.84
N LEU A 281 39.86 6.28 20.73
CA LEU A 281 40.53 6.25 19.43
C LEU A 281 41.35 5.00 19.13
N ASP A 282 41.61 4.12 20.10
CA ASP A 282 42.45 2.95 19.84
C ASP A 282 41.76 1.99 18.88
N LEU A 283 40.49 1.67 19.14
CA LEU A 283 39.75 0.81 18.23
C LEU A 283 39.49 1.48 16.90
N THR A 284 39.36 2.81 16.88
CA THR A 284 39.28 3.53 15.61
C THR A 284 40.56 3.35 14.80
N LEU A 285 41.71 3.42 15.46
CA LEU A 285 42.98 3.15 14.81
C LEU A 285 43.02 1.71 14.30
N ARG A 286 42.53 0.77 15.09
CA ARG A 286 42.49 -0.62 14.65
C ARG A 286 41.64 -0.78 13.40
N ALA A 287 40.47 -0.14 13.37
CA ALA A 287 39.59 -0.23 12.21
C ALA A 287 40.24 0.40 10.98
N LEU A 288 40.90 1.55 11.16
CA LEU A 288 41.56 2.18 10.02
C LEU A 288 42.74 1.35 9.52
N GLN A 289 43.48 0.72 10.44
CA GLN A 289 44.56 -0.17 10.03
C GLN A 289 44.00 -1.35 9.24
N ARG A 290 42.89 -1.93 9.71
CA ARG A 290 42.27 -3.04 9.00
C ARG A 290 41.82 -2.60 7.60
N VAL A 291 41.20 -1.42 7.50
CA VAL A 291 40.74 -0.95 6.21
C VAL A 291 41.93 -0.66 5.29
N ALA A 292 43.08 -0.31 5.87
CA ALA A 292 44.29 -0.20 5.07
C ALA A 292 44.75 -1.56 4.56
N ARG A 293 44.69 -2.58 5.42
CA ARG A 293 45.09 -3.93 5.00
C ARG A 293 44.22 -4.44 3.86
N ILE A 294 42.90 -4.32 3.99
CA ILE A 294 42.03 -4.89 2.97
C ILE A 294 42.19 -4.12 1.66
N ASN A 295 42.37 -2.80 1.75
CA ASN A 295 42.53 -2.00 0.54
C ASN A 295 43.78 -2.36 -0.24
N GLY A 296 44.73 -3.06 0.38
CA GLY A 296 45.97 -3.41 -0.28
C GLY A 296 47.03 -2.34 -0.26
N LYS A 297 46.78 -1.20 0.37
CA LYS A 297 47.73 -0.11 0.46
C LYS A 297 48.26 -0.08 1.89
N GLN A 298 49.50 -0.53 2.08
CA GLN A 298 50.12 -0.62 3.39
C GLN A 298 51.24 0.40 3.60
N GLU A 299 51.96 0.76 2.55
CA GLU A 299 53.04 1.73 2.70
C GLU A 299 52.52 3.08 3.16
N GLU A 300 51.38 3.52 2.59
CA GLU A 300 50.79 4.78 3.01
C GLU A 300 50.08 4.65 4.35
N GLY A 301 49.50 3.49 4.64
CA GLY A 301 48.84 3.30 5.92
C GLY A 301 49.76 3.01 7.09
N ALA A 302 51.05 2.80 6.82
CA ALA A 302 51.98 2.49 7.90
C ALA A 302 52.14 3.67 8.86
N LYS A 303 52.17 4.89 8.34
CA LYS A 303 52.39 6.06 9.17
C LYS A 303 51.22 6.35 10.11
N LEU A 304 50.08 5.70 9.93
CA LEU A 304 48.95 5.90 10.82
C LEU A 304 49.30 5.41 12.22
N SER A 305 49.03 6.24 13.22
CA SER A 305 49.29 5.88 14.61
C SER A 305 48.45 6.80 15.50
N ILE A 306 48.64 6.66 16.81
CA ILE A 306 47.80 7.38 17.76
C ILE A 306 48.00 8.88 17.61
N GLU A 307 49.27 9.32 17.52
CA GLU A 307 49.57 10.74 17.58
C GLU A 307 48.95 11.53 16.43
N VAL A 308 48.61 10.87 15.33
CA VAL A 308 48.02 11.58 14.18
C VAL A 308 46.51 11.69 14.27
N LEU A 309 45.86 10.87 15.11
CA LEU A 309 44.40 10.91 15.18
C LEU A 309 43.89 12.19 15.81
N ARG A 310 44.46 12.59 16.95
CA ARG A 310 44.05 13.83 17.59
C ARG A 310 44.40 15.04 16.73
N THR A 311 45.59 15.04 16.13
CA THR A 311 46.00 16.16 15.29
C THR A 311 45.14 16.28 14.05
N SER A 312 44.50 15.21 13.61
CA SER A 312 43.65 15.24 12.44
C SER A 312 42.17 15.41 12.77
N LEU A 313 41.72 14.94 13.94
CA LEU A 313 40.33 15.03 14.34
C LEU A 313 40.25 15.78 15.66
N GLN A 314 40.19 17.10 15.59
CA GLN A 314 39.99 17.92 16.78
C GLN A 314 39.02 19.08 16.60
N LYS A 315 38.71 19.50 15.38
CA LYS A 315 37.79 20.62 15.19
C LYS A 315 36.34 20.20 15.44
N GLU A 316 35.95 19.04 14.94
CA GLU A 316 34.56 18.59 15.08
C GLU A 316 34.23 18.15 16.50
N LEU A 317 35.24 17.73 17.28
CA LEU A 317 34.98 17.29 18.64
C LEU A 317 34.48 18.45 19.51
N THR A 318 35.07 19.62 19.33
CA THR A 318 34.66 20.81 20.09
C THR A 318 33.30 21.31 19.63
N SER A 325 17.40 19.62 20.34
CA SER A 325 16.75 18.80 19.32
C SER A 325 15.33 19.30 19.05
N ALA A 326 14.35 18.58 19.57
CA ALA A 326 12.96 18.94 19.34
C ALA A 326 12.60 20.24 20.05
N MET A 327 13.14 20.47 21.25
CA MET A 327 12.76 21.65 22.02
C MET A 327 13.17 22.93 21.31
N GLU A 328 14.44 23.03 20.91
CA GLU A 328 14.90 24.21 20.19
C GLU A 328 14.25 24.31 18.81
N LEU A 329 13.94 23.16 18.20
CA LEU A 329 13.27 23.16 16.90
C LEU A 329 11.88 23.77 17.00
N LEU A 330 11.16 23.46 18.08
CA LEU A 330 9.82 23.98 18.29
C LEU A 330 9.81 25.38 18.90
N ARG A 331 10.92 25.84 19.47
CA ARG A 331 10.92 27.16 20.08
C ARG A 331 10.98 28.28 19.02
N CYS A 332 11.94 28.22 18.12
CA CYS A 332 12.13 29.29 17.17
C CYS A 332 10.93 29.38 16.22
N PRO A 333 10.39 30.58 15.98
CA PRO A 333 9.21 30.67 15.12
C PRO A 333 9.50 30.26 13.68
N THR A 334 10.61 30.71 13.11
CA THR A 334 10.97 30.29 11.77
C THR A 334 11.22 28.79 11.72
N LEU A 335 11.92 28.26 12.72
CA LEU A 335 12.15 26.82 12.78
C LEU A 335 10.84 26.06 12.93
N ARG A 336 9.93 26.56 13.77
CA ARG A 336 8.65 25.89 13.94
C ARG A 336 7.84 25.88 12.66
N HIS A 337 7.80 27.01 11.95
CA HIS A 337 7.06 27.07 10.69
C HIS A 337 7.68 26.14 9.65
N LEU A 338 9.01 26.15 9.54
CA LEU A 338 9.69 25.29 8.58
C LEU A 338 9.42 23.84 8.90
N PHE A 339 9.48 23.47 10.18
CA PHE A 339 9.10 22.12 10.58
C PHE A 339 7.70 21.82 10.09
N LEU A 340 6.71 22.57 10.57
CA LEU A 340 5.31 22.26 10.27
C LEU A 340 5.10 22.05 8.76
N CYS A 341 5.65 22.95 7.94
CA CYS A 341 5.50 22.81 6.50
C CYS A 341 6.14 21.53 5.99
N LEU A 342 7.39 21.27 6.38
CA LEU A 342 8.11 20.13 5.84
C LEU A 342 7.51 18.82 6.33
N SER A 343 7.07 18.79 7.58
CA SER A 343 6.38 17.64 8.13
C SER A 343 5.10 17.36 7.36
N MET A 344 4.33 18.40 7.05
CA MET A 344 3.13 18.20 6.26
C MET A 344 3.47 17.64 4.88
N LEU A 345 4.53 18.16 4.26
CA LEU A 345 4.92 17.67 2.94
C LEU A 345 5.32 16.20 2.99
N TRP A 346 6.19 15.83 3.93
CA TRP A 346 6.61 14.44 4.06
C TRP A 346 5.42 13.53 4.33
N PHE A 347 4.56 13.96 5.26
CA PHE A 347 3.40 13.16 5.63
C PHE A 347 2.51 12.91 4.43
N ALA A 348 2.17 13.96 3.69
CA ALA A 348 1.30 13.81 2.54
C ALA A 348 1.94 12.92 1.48
N THR A 349 3.23 13.13 1.19
CA THR A 349 3.86 12.36 0.13
C THR A 349 3.90 10.88 0.47
N SER A 350 4.38 10.53 1.67
CA SER A 350 4.45 9.12 2.03
C SER A 350 3.06 8.50 2.14
N PHE A 351 2.11 9.24 2.71
CA PHE A 351 0.74 8.75 2.84
C PHE A 351 0.15 8.39 1.49
N ALA A 352 0.22 9.33 0.53
CA ALA A 352 -0.31 9.06 -0.80
C ALA A 352 0.44 7.93 -1.49
N TYR A 353 1.77 7.91 -1.36
CA TYR A 353 2.57 6.91 -2.04
C TYR A 353 2.21 5.51 -1.59
N TYR A 354 2.13 5.30 -0.27
CA TYR A 354 1.83 3.96 0.20
C TYR A 354 0.36 3.59 0.01
N GLY A 355 -0.54 4.57 0.07
CA GLY A 355 -1.92 4.29 -0.28
C GLY A 355 -2.07 3.83 -1.72
N LEU A 356 -1.29 4.41 -2.62
CA LEU A 356 -1.36 3.99 -4.02
C LEU A 356 -0.68 2.64 -4.23
N VAL A 357 0.49 2.44 -3.61
CA VAL A 357 1.25 1.21 -3.86
C VAL A 357 0.53 0.00 -3.27
N MET A 358 -0.02 0.14 -2.07
CA MET A 358 -0.60 -1.02 -1.39
C MET A 358 -1.82 -1.58 -2.10
N ASP A 359 -2.41 -0.87 -3.05
CA ASP A 359 -3.63 -1.30 -3.71
C ASP A 359 -3.31 -1.43 -5.20
N LEU A 360 -3.10 -2.66 -5.67
CA LEU A 360 -2.98 -2.93 -7.09
C LEU A 360 -3.85 -4.09 -7.54
N GLN A 361 -4.56 -4.75 -6.63
CA GLN A 361 -5.44 -5.83 -7.03
C GLN A 361 -6.56 -5.34 -7.93
N GLY A 362 -7.13 -4.18 -7.61
CA GLY A 362 -8.25 -3.65 -8.35
C GLY A 362 -7.87 -2.83 -9.56
N PHE A 363 -7.01 -3.36 -10.42
CA PHE A 363 -6.61 -2.67 -11.65
C PHE A 363 -6.91 -3.48 -12.89
N GLY A 364 -7.55 -4.63 -12.78
CA GLY A 364 -7.87 -5.43 -13.94
C GLY A 364 -6.72 -6.28 -14.43
N VAL A 365 -5.60 -5.64 -14.78
CA VAL A 365 -4.45 -6.37 -15.26
C VAL A 365 -3.83 -7.19 -14.12
N SER A 366 -3.09 -8.22 -14.50
CA SER A 366 -2.43 -9.08 -13.51
C SER A 366 -1.48 -8.27 -12.66
N MET A 367 -1.41 -8.61 -11.37
CA MET A 367 -0.59 -7.83 -10.45
C MET A 367 0.88 -7.86 -10.84
N TYR A 368 1.34 -8.95 -11.46
CA TYR A 368 2.75 -9.04 -11.82
C TYR A 368 3.13 -8.01 -12.86
N LEU A 369 2.30 -7.84 -13.90
CA LEU A 369 2.63 -6.89 -14.96
C LEU A 369 2.59 -5.46 -14.43
N ILE A 370 1.56 -5.11 -13.67
CA ILE A 370 1.46 -3.74 -13.15
C ILE A 370 2.58 -3.48 -12.16
N GLN A 371 2.97 -4.48 -11.38
CA GLN A 371 4.11 -4.32 -10.48
C GLN A 371 5.40 -4.10 -11.25
N VAL A 372 5.58 -4.83 -12.36
CA VAL A 372 6.76 -4.62 -13.20
C VAL A 372 6.78 -3.20 -13.74
N ILE A 373 5.63 -2.72 -14.22
CA ILE A 373 5.59 -1.36 -14.77
C ILE A 373 5.85 -0.33 -13.68
N PHE A 374 5.31 -0.55 -12.48
CA PHE A 374 5.56 0.36 -11.37
C PHE A 374 7.04 0.42 -11.05
N GLY A 375 7.71 -0.73 -11.03
CA GLY A 375 9.14 -0.73 -10.79
C GLY A 375 9.92 -0.05 -11.90
N ALA A 376 9.52 -0.28 -13.16
CA ALA A 376 10.24 0.27 -14.29
C ALA A 376 10.13 1.79 -14.33
N VAL A 377 8.94 2.33 -14.01
CA VAL A 377 8.72 3.77 -14.10
C VAL A 377 9.57 4.56 -13.11
N ASP A 378 10.29 3.89 -12.20
CA ASP A 378 11.09 4.59 -11.21
C ASP A 378 12.23 5.37 -11.86
N LEU A 379 13.00 4.70 -12.73
CA LEU A 379 14.18 5.34 -13.31
C LEU A 379 13.84 6.52 -14.21
N PRO A 380 12.90 6.43 -15.16
CA PRO A 380 12.58 7.62 -15.97
C PRO A 380 12.11 8.80 -15.13
N ALA A 381 11.32 8.54 -14.09
CA ALA A 381 10.87 9.62 -13.22
C ALA A 381 12.07 10.25 -12.50
N LYS A 382 13.02 9.42 -12.06
CA LYS A 382 14.21 9.94 -11.41
C LYS A 382 15.01 10.84 -12.36
N PHE A 383 15.17 10.39 -13.61
CA PHE A 383 15.86 11.21 -14.59
C PHE A 383 15.13 12.52 -14.82
N VAL A 384 13.79 12.47 -14.86
CA VAL A 384 13.01 13.68 -15.10
C VAL A 384 13.22 14.69 -13.97
N CYS A 385 13.13 14.23 -12.73
CA CYS A 385 13.27 15.18 -11.62
C CYS A 385 14.70 15.70 -11.54
N PHE A 386 15.68 14.85 -11.83
CA PHE A 386 17.07 15.32 -11.86
C PHE A 386 17.25 16.40 -12.91
N LEU A 387 16.70 16.20 -14.11
CA LEU A 387 16.81 17.21 -15.15
C LEU A 387 16.12 18.50 -14.73
N VAL A 388 14.96 18.39 -14.09
CA VAL A 388 14.24 19.59 -13.68
C VAL A 388 15.01 20.37 -12.63
N ILE A 389 15.53 19.67 -11.62
CA ILE A 389 16.22 20.36 -10.54
C ILE A 389 17.54 20.95 -11.03
N ASN A 390 18.23 20.24 -11.92
CA ASN A 390 19.47 20.77 -12.49
C ASN A 390 19.23 21.78 -13.59
N SER A 391 17.98 21.98 -14.01
CA SER A 391 17.65 22.96 -15.03
C SER A 391 16.88 24.15 -14.48
N MET A 392 15.73 23.92 -13.84
CA MET A 392 14.92 25.02 -13.33
C MET A 392 15.12 25.21 -11.82
N GLY A 393 14.81 24.19 -11.03
CA GLY A 393 14.86 24.32 -9.59
C GLY A 393 14.10 23.20 -8.91
N ARG A 394 13.85 23.41 -7.62
CA ARG A 394 13.26 22.39 -6.75
C ARG A 394 11.79 22.62 -6.46
N ARG A 395 11.43 23.85 -6.05
CA ARG A 395 10.02 24.12 -5.71
C ARG A 395 9.07 23.91 -6.87
N PRO A 396 9.35 24.38 -8.10
CA PRO A 396 8.47 24.01 -9.22
C PRO A 396 8.41 22.52 -9.47
N ALA A 397 9.51 21.80 -9.25
CA ALA A 397 9.46 20.35 -9.37
C ALA A 397 8.51 19.73 -8.36
N GLN A 398 8.58 20.20 -7.11
CA GLN A 398 7.61 19.76 -6.10
C GLN A 398 6.19 20.03 -6.55
N MET A 399 5.91 21.26 -6.98
CA MET A 399 4.56 21.62 -7.39
C MET A 399 4.08 20.71 -8.50
N ALA A 400 4.88 20.57 -9.57
CA ALA A 400 4.47 19.77 -10.71
C ALA A 400 4.24 18.32 -10.32
N SER A 401 5.21 17.72 -9.62
CA SER A 401 5.10 16.29 -9.30
C SER A 401 3.90 16.03 -8.41
N LEU A 402 3.74 16.81 -7.33
CA LEU A 402 2.65 16.58 -6.40
C LEU A 402 1.30 16.81 -7.07
N LEU A 403 1.16 17.92 -7.81
CA LEU A 403 -0.11 18.21 -8.46
C LEU A 403 -0.46 17.15 -9.50
N LEU A 404 0.51 16.74 -10.30
CA LEU A 404 0.26 15.72 -11.32
C LEU A 404 -0.13 14.40 -10.67
N ALA A 405 0.56 14.01 -9.60
CA ALA A 405 0.22 12.77 -8.92
C ALA A 405 -1.19 12.82 -8.34
N GLY A 406 -1.52 13.91 -7.66
CA GLY A 406 -2.84 14.03 -7.07
C GLY A 406 -3.93 13.99 -8.12
N ILE A 407 -3.75 14.74 -9.20
CA ILE A 407 -4.75 14.76 -10.27
C ILE A 407 -4.88 13.37 -10.90
N CYS A 408 -3.74 12.71 -11.14
CA CYS A 408 -3.78 11.41 -11.80
C CYS A 408 -4.52 10.38 -10.96
N ILE A 409 -4.24 10.33 -9.66
CA ILE A 409 -4.91 9.32 -8.86
C ILE A 409 -6.35 9.72 -8.55
N LEU A 410 -6.67 11.02 -8.54
CA LEU A 410 -8.07 11.41 -8.44
C LEU A 410 -8.86 10.96 -9.66
N VAL A 411 -8.28 11.13 -10.85
CA VAL A 411 -8.94 10.66 -12.07
C VAL A 411 -9.05 9.14 -12.05
N ASN A 412 -8.03 8.46 -11.53
CA ASN A 412 -8.10 7.02 -11.39
C ASN A 412 -9.29 6.65 -10.51
N GLY A 413 -9.45 7.35 -9.40
CA GLY A 413 -10.60 7.10 -8.53
C GLY A 413 -11.92 7.40 -9.20
N ILE A 414 -11.96 8.39 -10.09
CA ILE A 414 -13.21 8.75 -10.75
C ILE A 414 -13.50 7.89 -11.98
N ILE A 415 -12.50 7.24 -12.54
CA ILE A 415 -12.71 6.38 -13.71
C ILE A 415 -13.19 5.02 -13.23
N PRO A 416 -14.31 4.51 -13.73
CA PRO A 416 -14.84 3.24 -13.24
C PRO A 416 -14.01 2.06 -13.71
N LYS A 417 -14.32 0.89 -13.16
CA LYS A 417 -13.60 -0.33 -13.50
C LYS A 417 -13.75 -0.71 -14.96
N SER A 418 -14.82 -0.25 -15.62
CA SER A 418 -15.07 -0.65 -17.01
C SER A 418 -13.89 -0.31 -17.92
N HIS A 419 -13.10 0.67 -17.56
CA HIS A 419 -11.89 1.03 -18.30
C HIS A 419 -10.67 0.57 -17.50
N THR A 420 -9.73 -0.06 -18.21
CA THR A 420 -8.57 -0.69 -17.56
C THR A 420 -7.25 -0.06 -17.98
N ILE A 421 -7.00 0.08 -19.28
CA ILE A 421 -5.70 0.55 -19.75
C ILE A 421 -5.45 1.97 -19.26
N ILE A 422 -6.47 2.84 -19.37
CA ILE A 422 -6.30 4.23 -18.95
C ILE A 422 -6.06 4.31 -17.45
N ARG A 423 -6.80 3.51 -16.67
CA ARG A 423 -6.61 3.52 -15.22
C ARG A 423 -5.20 3.06 -14.85
N THR A 424 -4.72 2.00 -15.49
CA THR A 424 -3.38 1.51 -15.19
C THR A 424 -2.32 2.53 -15.58
N SER A 425 -2.48 3.19 -16.74
CA SER A 425 -1.52 4.20 -17.14
C SER A 425 -1.52 5.38 -16.17
N LEU A 426 -2.70 5.79 -15.73
CA LEU A 426 -2.78 6.87 -14.74
C LEU A 426 -2.10 6.47 -13.43
N ALA A 427 -2.32 5.24 -12.98
CA ALA A 427 -1.68 4.76 -11.76
C ALA A 427 -0.17 4.72 -11.91
N VAL A 428 0.32 4.30 -13.08
CA VAL A 428 1.76 4.24 -13.31
C VAL A 428 2.36 5.65 -13.28
N LEU A 429 1.68 6.60 -13.94
CA LEU A 429 2.15 7.98 -13.89
C LEU A 429 2.14 8.52 -12.47
N GLY A 430 1.11 8.17 -11.69
CA GLY A 430 1.07 8.60 -10.31
C GLY A 430 2.21 8.04 -9.48
N LYS A 431 2.51 6.75 -9.65
CA LYS A 431 3.61 6.16 -8.91
C LYS A 431 4.94 6.80 -9.29
N GLY A 432 5.15 7.03 -10.58
CA GLY A 432 6.36 7.74 -11.00
C GLY A 432 6.44 9.13 -10.42
N CYS A 433 5.31 9.84 -10.38
CA CYS A 433 5.29 11.18 -9.81
C CYS A 433 5.61 11.15 -8.32
N LEU A 434 5.10 10.15 -7.59
CA LEU A 434 5.43 10.03 -6.17
C LEU A 434 6.91 9.74 -5.97
N ALA A 435 7.49 8.89 -6.81
CA ALA A 435 8.93 8.63 -6.69
C ALA A 435 9.75 9.89 -6.94
N SER A 436 9.39 10.63 -7.99
CA SER A 436 10.09 11.88 -8.27
C SER A 436 9.91 12.87 -7.13
N SER A 437 8.70 12.93 -6.56
CA SER A 437 8.45 13.82 -5.44
C SER A 437 9.29 13.44 -4.23
N PHE A 438 9.42 12.13 -3.97
CA PHE A 438 10.27 11.68 -2.88
C PHE A 438 11.70 12.14 -3.06
N ASN A 439 12.26 11.92 -4.26
CA ASN A 439 13.63 12.35 -4.50
C ASN A 439 13.76 13.87 -4.34
N CYS A 440 12.78 14.61 -4.85
CA CYS A 440 12.83 16.07 -4.78
C CYS A 440 12.75 16.56 -3.34
N ILE A 441 11.88 15.96 -2.52
CA ILE A 441 11.74 16.45 -1.15
C ILE A 441 12.99 16.10 -0.35
N PHE A 442 13.57 14.93 -0.62
CA PHE A 442 14.84 14.60 0.03
C PHE A 442 15.89 15.66 -0.28
N LEU A 443 16.07 15.99 -1.56
CA LEU A 443 17.06 16.99 -1.93
C LEU A 443 16.71 18.37 -1.35
N TYR A 444 15.42 18.70 -1.31
CA TYR A 444 15.00 20.02 -0.88
C TYR A 444 15.24 20.19 0.62
N THR A 445 14.89 19.18 1.42
CA THR A 445 15.20 19.22 2.84
C THR A 445 16.70 19.15 3.09
N GLY A 446 17.46 18.52 2.19
CA GLY A 446 18.90 18.56 2.34
C GLY A 446 19.47 19.94 2.16
N GLU A 447 19.01 20.66 1.15
CA GLU A 447 19.52 21.99 0.83
C GLU A 447 18.68 23.11 1.43
N LEU A 448 17.79 22.79 2.38
CA LEU A 448 16.93 23.79 2.99
C LEU A 448 17.25 24.05 4.46
N TYR A 449 17.29 23.00 5.28
CA TYR A 449 17.48 23.19 6.71
C TYR A 449 18.87 23.71 7.02
N PRO A 450 19.00 24.54 8.06
CA PRO A 450 20.34 24.98 8.48
C PRO A 450 21.17 23.82 8.98
N THR A 451 22.48 23.92 8.79
CA THR A 451 23.38 22.84 9.17
C THR A 451 23.40 22.60 10.67
N VAL A 452 22.90 23.54 11.47
CA VAL A 452 22.85 23.35 12.91
C VAL A 452 21.90 22.22 13.27
N ILE A 453 20.73 22.17 12.61
CA ILE A 453 19.68 21.24 12.99
C ILE A 453 19.25 20.41 11.78
N ARG A 454 20.12 20.36 10.75
CA ARG A 454 19.76 19.67 9.52
C ARG A 454 19.48 18.19 9.76
N GLN A 455 20.34 17.52 10.53
CA GLN A 455 20.16 16.09 10.77
C GLN A 455 18.88 15.83 11.56
N THR A 456 18.61 16.62 12.59
CA THR A 456 17.38 16.45 13.35
C THR A 456 16.17 16.77 12.48
N GLY A 457 16.28 17.77 11.60
CA GLY A 457 15.20 18.05 10.68
C GLY A 457 14.91 16.88 9.75
N LEU A 458 15.96 16.27 9.22
CA LEU A 458 15.78 15.07 8.39
C LEU A 458 15.13 13.95 9.18
N GLY A 459 15.56 13.76 10.42
CA GLY A 459 14.96 12.73 11.25
C GLY A 459 13.47 12.98 11.48
N MET A 460 13.10 14.22 11.77
CA MET A 460 11.70 14.54 11.99
C MET A 460 10.89 14.38 10.71
N GLY A 461 11.46 14.78 9.57
CA GLY A 461 10.76 14.56 8.32
C GLY A 461 10.54 13.10 8.02
N SER A 462 11.55 12.27 8.26
CA SER A 462 11.40 10.83 8.06
C SER A 462 10.35 10.26 9.02
N THR A 463 10.35 10.72 10.26
CA THR A 463 9.34 10.24 11.21
C THR A 463 7.94 10.62 10.76
N MET A 464 7.76 11.83 10.24
CA MET A 464 6.46 12.23 9.74
C MET A 464 6.07 11.41 8.51
N ALA A 465 7.04 11.07 7.66
CA ALA A 465 6.75 10.20 6.53
C ALA A 465 6.27 8.84 7.00
N ARG A 466 6.90 8.30 8.04
CA ARG A 466 6.46 7.02 8.60
C ARG A 466 5.07 7.15 9.22
N VAL A 467 4.77 8.30 9.83
CA VAL A 467 3.42 8.52 10.35
C VAL A 467 2.41 8.50 9.22
N GLY A 468 2.73 9.13 8.10
CA GLY A 468 1.84 9.11 6.95
C GLY A 468 1.64 7.71 6.40
N SER A 469 2.73 6.94 6.29
CA SER A 469 2.61 5.56 5.84
C SER A 469 1.82 4.72 6.84
N ILE A 470 1.83 5.12 8.11
CA ILE A 470 1.01 4.43 9.12
C ILE A 470 -0.46 4.74 8.89
N VAL A 471 -0.77 6.01 8.65
CA VAL A 471 -2.16 6.43 8.52
C VAL A 471 -2.78 5.92 7.23
N SER A 472 -1.98 5.75 6.17
CA SER A 472 -2.54 5.37 4.88
C SER A 472 -3.38 4.10 4.92
N PRO A 473 -2.93 2.99 5.53
CA PRO A 473 -3.86 1.86 5.72
C PRO A 473 -5.07 2.21 6.55
N LEU A 474 -4.93 3.10 7.56
CA LEU A 474 -6.10 3.50 8.33
C LEU A 474 -7.11 4.24 7.45
N VAL A 475 -6.63 5.03 6.50
CA VAL A 475 -7.56 5.72 5.60
C VAL A 475 -8.21 4.71 4.65
N SER A 476 -7.42 3.79 4.08
CA SER A 476 -8.00 2.77 3.24
C SER A 476 -8.90 1.81 4.01
N MET A 477 -8.84 1.86 5.35
CA MET A 477 -9.65 0.97 6.19
C MET A 477 -11.13 1.16 5.91
N THR A 478 -11.57 2.41 5.73
CA THR A 478 -12.98 2.75 5.70
C THR A 478 -13.56 2.77 4.30
N ALA A 479 -13.06 1.91 3.41
CA ALA A 479 -13.66 1.76 2.08
C ALA A 479 -15.05 1.16 2.14
N GLU A 480 -15.48 0.66 3.30
CA GLU A 480 -16.85 0.15 3.43
C GLU A 480 -17.87 1.27 3.24
N PHE A 481 -17.50 2.51 3.55
CA PHE A 481 -18.42 3.64 3.37
C PHE A 481 -18.76 3.83 1.90
N TYR A 482 -17.76 4.14 1.08
CA TYR A 482 -17.94 4.35 -0.35
C TYR A 482 -16.99 3.46 -1.12
N PRO A 483 -17.37 3.01 -2.31
CA PRO A 483 -16.52 2.06 -3.04
C PRO A 483 -15.13 2.57 -3.36
N SER A 484 -14.97 3.88 -3.56
CA SER A 484 -13.66 4.40 -3.95
C SER A 484 -13.27 5.66 -3.19
N MET A 485 -13.90 5.93 -2.04
CA MET A 485 -13.54 7.13 -1.27
C MET A 485 -12.09 7.13 -0.81
N PRO A 486 -11.47 6.01 -0.42
CA PRO A 486 -10.04 6.07 -0.07
C PRO A 486 -9.18 6.65 -1.16
N LEU A 487 -9.48 6.34 -2.42
CA LEU A 487 -8.77 6.97 -3.53
C LEU A 487 -9.02 8.48 -3.53
N PHE A 488 -10.23 8.90 -3.19
CA PHE A 488 -10.52 10.33 -3.15
C PHE A 488 -9.69 11.02 -2.08
N ILE A 489 -9.54 10.40 -0.90
CA ILE A 489 -8.73 11.00 0.14
C ILE A 489 -7.26 11.03 -0.28
N PHE A 490 -6.77 9.94 -0.86
CA PHE A 490 -5.38 9.89 -1.33
C PHE A 490 -5.13 10.97 -2.37
N GLY A 491 -6.13 11.30 -3.18
CA GLY A 491 -5.95 12.33 -4.19
C GLY A 491 -6.18 13.73 -3.68
N ALA A 492 -6.91 13.85 -2.58
CA ALA A 492 -7.15 15.16 -1.98
C ALA A 492 -5.97 15.64 -1.14
N VAL A 493 -5.27 14.71 -0.48
CA VAL A 493 -4.16 15.13 0.40
C VAL A 493 -3.02 15.81 -0.34
N PRO A 494 -2.55 15.33 -1.50
CA PRO A 494 -1.34 15.95 -2.07
C PRO A 494 -1.62 17.30 -2.69
N VAL A 495 -2.84 17.56 -3.17
CA VAL A 495 -3.18 18.89 -3.64
C VAL A 495 -3.15 19.89 -2.48
N VAL A 496 -3.60 19.46 -1.30
CA VAL A 496 -3.50 20.32 -0.12
C VAL A 496 -2.04 20.57 0.24
N ALA A 497 -1.21 19.51 0.18
CA ALA A 497 0.20 19.68 0.48
C ALA A 497 0.86 20.66 -0.49
N SER A 498 0.57 20.52 -1.79
CA SER A 498 1.16 21.40 -2.78
C SER A 498 0.69 22.83 -2.58
N ALA A 499 -0.58 23.02 -2.22
CA ALA A 499 -1.07 24.37 -1.96
C ALA A 499 -0.39 24.99 -0.76
N VAL A 500 -0.17 24.21 0.30
CA VAL A 500 0.38 24.79 1.53
C VAL A 500 1.89 24.92 1.48
N THR A 501 2.58 24.24 0.57
CA THR A 501 4.02 24.35 0.46
C THR A 501 4.47 25.48 -0.46
N ALA A 502 3.55 26.35 -0.87
CA ALA A 502 3.88 27.41 -1.80
C ALA A 502 4.85 28.41 -1.19
N LEU A 503 4.67 28.75 0.08
CA LEU A 503 5.47 29.80 0.72
C LEU A 503 6.94 29.40 0.85
N LEU A 504 7.27 28.14 0.68
CA LEU A 504 8.63 27.68 0.94
C LEU A 504 9.61 28.27 -0.07
N PRO A 505 10.73 28.83 0.37
CA PRO A 505 11.69 29.42 -0.57
C PRO A 505 12.41 28.35 -1.39
N GLU A 506 12.92 28.78 -2.54
CA GLU A 506 13.66 27.92 -3.45
C GLU A 506 15.16 28.09 -3.20
N THR A 507 15.88 26.97 -3.11
CA THR A 507 17.30 26.98 -2.80
C THR A 507 18.15 26.67 -4.03
N LEU A 508 17.74 27.15 -5.21
CA LEU A 508 18.53 26.94 -6.42
C LEU A 508 19.87 27.68 -6.36
N GLY A 509 19.90 28.84 -5.73
CA GLY A 509 21.10 29.66 -5.69
C GLY A 509 22.16 29.20 -4.72
N GLN A 510 21.96 28.06 -4.07
CA GLN A 510 22.90 27.47 -3.12
C GLN A 510 23.22 28.44 -1.99
N PRO A 511 22.26 28.77 -1.13
CA PRO A 511 22.58 29.59 0.04
C PRO A 511 23.30 28.79 1.12
N LEU A 512 22.82 27.56 1.36
CA LEU A 512 23.35 26.65 2.37
C LEU A 512 23.47 27.33 3.72
N PRO A 513 22.36 27.61 4.39
CA PRO A 513 22.43 28.30 5.68
C PRO A 513 23.02 27.40 6.77
N ASP A 514 23.60 28.04 7.77
CA ASP A 514 24.22 27.32 8.89
C ASP A 514 23.36 27.39 10.15
N THR A 515 22.99 28.59 10.58
CA THR A 515 22.18 28.79 11.77
C THR A 515 20.89 29.52 11.39
N VAL A 516 20.06 29.78 12.41
CA VAL A 516 18.77 30.42 12.17
C VAL A 516 18.94 31.85 11.70
N GLN A 517 20.08 32.48 11.96
CA GLN A 517 20.30 33.86 11.53
C GLN A 517 20.32 33.96 10.01
N ASP A 518 20.89 32.97 9.34
CA ASP A 518 20.97 33.01 7.88
C ASP A 518 19.58 32.91 7.25
N LEU A 519 18.70 32.11 7.83
CA LEU A 519 17.39 31.88 7.23
C LEU A 519 16.59 33.18 7.12
N LYS A 520 16.53 33.94 8.20
CA LYS A 520 15.79 35.20 8.18
C LYS A 520 16.41 36.19 7.20
N SER A 521 17.75 36.27 7.19
CA SER A 521 18.42 37.15 6.24
C SER A 521 18.19 36.70 4.81
N ARG A 522 18.28 35.39 4.56
CA ARG A 522 18.03 34.87 3.21
C ARG A 522 16.59 35.10 2.78
N SER A 523 15.63 34.85 3.69
CA SER A 523 14.23 35.08 3.36
C SER A 523 13.97 36.56 3.08
N ARG A 524 14.53 37.45 3.91
CA ARG A 524 14.42 38.88 3.64
C ARG A 524 15.19 39.25 2.37
N GLY A 525 16.36 38.64 2.17
CA GLY A 525 17.20 38.92 1.01
C GLY A 525 16.83 38.17 -0.24
N LYS A 526 15.82 37.32 -0.21
CA LYS A 526 15.41 36.56 -1.38
C LYS A 526 14.76 37.47 -2.43
N GLN B 7 -44.85 -2.97 11.06
CA GLN B 7 -44.48 -4.08 10.18
C GLN B 7 -44.58 -3.67 8.71
N VAL B 8 -43.94 -4.43 7.83
CA VAL B 8 -43.87 -4.13 6.42
C VAL B 8 -44.56 -5.24 5.64
N GLN B 9 -45.41 -4.86 4.70
CA GLN B 9 -46.13 -5.79 3.85
C GLN B 9 -45.58 -5.73 2.42
N LEU B 10 -45.55 -6.89 1.77
CA LEU B 10 -45.15 -7.01 0.38
C LEU B 10 -46.15 -7.88 -0.37
N VAL B 11 -47.43 -7.57 -0.21
CA VAL B 11 -48.47 -8.31 -0.92
C VAL B 11 -48.33 -8.08 -2.41
N GLU B 12 -48.74 -9.07 -3.19
CA GLU B 12 -48.60 -9.01 -4.65
C GLU B 12 -49.77 -9.73 -5.29
N SER B 13 -50.04 -9.38 -6.54
CA SER B 13 -51.14 -9.95 -7.29
C SER B 13 -50.83 -9.88 -8.77
N GLY B 14 -51.63 -10.60 -9.56
CA GLY B 14 -51.44 -10.61 -10.99
C GLY B 14 -51.35 -12.00 -11.59
N GLY B 15 -51.83 -13.01 -10.86
CA GLY B 15 -51.84 -14.36 -11.38
C GLY B 15 -53.03 -14.62 -12.28
N GLY B 16 -52.92 -15.69 -13.06
CA GLY B 16 -54.00 -16.06 -13.95
C GLY B 16 -53.59 -17.20 -14.86
N LEU B 17 -54.57 -17.68 -15.62
CA LEU B 17 -54.38 -18.75 -16.59
C LEU B 17 -54.44 -18.14 -17.98
N VAL B 18 -53.32 -18.19 -18.70
CA VAL B 18 -53.21 -17.55 -20.01
C VAL B 18 -52.37 -18.43 -20.92
N GLN B 19 -52.80 -18.53 -22.18
CA GLN B 19 -52.12 -19.35 -23.17
C GLN B 19 -50.72 -18.79 -23.47
N ALA B 20 -49.85 -19.67 -23.97
CA ALA B 20 -48.48 -19.27 -24.28
C ALA B 20 -48.48 -18.19 -25.36
N GLY B 21 -47.53 -17.27 -25.24
CA GLY B 21 -47.44 -16.14 -26.14
C GLY B 21 -48.31 -14.96 -25.79
N GLY B 22 -48.96 -14.97 -24.63
CA GLY B 22 -49.80 -13.88 -24.18
C GLY B 22 -49.04 -12.84 -23.42
N SER B 23 -49.71 -12.25 -22.42
CA SER B 23 -49.09 -11.24 -21.56
C SER B 23 -49.92 -11.11 -20.30
N LEU B 24 -49.24 -10.90 -19.17
CA LEU B 24 -49.88 -10.77 -17.87
C LEU B 24 -49.60 -9.37 -17.30
N ARG B 25 -50.03 -9.17 -16.06
CA ARG B 25 -49.86 -7.88 -15.37
C ARG B 25 -49.47 -8.18 -13.93
N LEU B 26 -48.18 -8.09 -13.62
CA LEU B 26 -47.66 -8.45 -12.31
C LEU B 26 -47.14 -7.22 -11.58
N SER B 27 -47.39 -7.17 -10.28
CA SER B 27 -46.96 -6.03 -9.46
C SER B 27 -46.85 -6.46 -8.01
N CYS B 28 -45.99 -5.76 -7.28
CA CYS B 28 -45.82 -5.95 -5.84
C CYS B 28 -46.25 -4.67 -5.13
N ALA B 29 -47.18 -4.80 -4.19
CA ALA B 29 -47.67 -3.66 -3.42
C ALA B 29 -46.73 -3.47 -2.24
N ALA B 30 -45.84 -2.49 -2.35
CA ALA B 30 -44.87 -2.20 -1.29
C ALA B 30 -45.44 -1.16 -0.34
N SER B 31 -45.39 -1.47 0.96
CA SER B 31 -45.91 -0.59 2.00
C SER B 31 -44.86 -0.41 3.09
N GLY B 32 -44.73 0.82 3.57
CA GLY B 32 -43.81 1.15 4.63
C GLY B 32 -42.48 1.73 4.19
N PHE B 33 -42.16 1.62 2.90
CA PHE B 33 -40.89 2.14 2.39
C PHE B 33 -41.12 2.71 0.99
N PRO B 34 -40.35 3.72 0.60
CA PRO B 34 -40.44 4.24 -0.77
C PRO B 34 -39.73 3.31 -1.74
N VAL B 35 -40.44 2.93 -2.81
CA VAL B 35 -39.87 2.00 -3.78
C VAL B 35 -38.67 2.59 -4.50
N LYS B 36 -38.54 3.90 -4.54
CA LYS B 36 -37.44 4.55 -5.23
C LYS B 36 -36.17 4.66 -4.39
N THR B 37 -36.20 4.17 -3.15
CA THR B 37 -35.09 4.34 -2.23
C THR B 37 -34.29 3.06 -1.97
N GLU B 38 -34.91 1.90 -2.08
CA GLU B 38 -34.21 0.62 -1.91
C GLU B 38 -34.10 -0.09 -3.27
N TRP B 39 -33.56 -1.31 -3.22
CA TRP B 39 -33.41 -2.14 -4.41
C TRP B 39 -34.75 -2.81 -4.74
N MET B 40 -34.74 -3.68 -5.74
CA MET B 40 -35.86 -4.52 -6.15
C MET B 40 -35.29 -5.71 -6.90
N GLU B 41 -35.95 -6.85 -6.77
CA GLU B 41 -35.46 -8.09 -7.38
C GLU B 41 -36.64 -8.99 -7.71
N TRP B 42 -36.35 -10.10 -8.39
CA TRP B 42 -37.37 -10.97 -8.95
C TRP B 42 -36.86 -12.40 -9.02
N TYR B 43 -37.70 -13.34 -8.59
CA TYR B 43 -37.33 -14.75 -8.56
C TYR B 43 -38.52 -15.62 -8.93
N ARG B 44 -38.22 -16.79 -9.50
CA ARG B 44 -39.20 -17.81 -9.80
C ARG B 44 -38.77 -19.14 -9.20
N GLN B 45 -39.75 -19.96 -8.83
CA GLN B 45 -39.51 -21.35 -8.42
C GLN B 45 -40.43 -22.23 -9.25
N ALA B 46 -39.97 -22.63 -10.43
CA ALA B 46 -40.75 -23.52 -11.26
C ALA B 46 -40.82 -24.91 -10.63
N PRO B 47 -41.92 -25.63 -10.83
CA PRO B 47 -42.02 -27.00 -10.29
C PRO B 47 -40.90 -27.87 -10.82
N GLY B 48 -40.33 -28.68 -9.93
CA GLY B 48 -39.18 -29.49 -10.27
C GLY B 48 -37.86 -28.74 -10.34
N LYS B 49 -37.85 -27.46 -9.97
CA LYS B 49 -36.64 -26.65 -10.01
C LYS B 49 -36.57 -25.82 -8.73
N GLU B 50 -35.67 -24.85 -8.72
CA GLU B 50 -35.35 -24.07 -7.53
C GLU B 50 -35.51 -22.59 -7.81
N ARG B 51 -35.13 -21.77 -6.83
CA ARG B 51 -35.13 -20.32 -6.99
C ARG B 51 -34.17 -19.93 -8.11
N GLU B 52 -34.62 -19.05 -9.00
CA GLU B 52 -33.81 -18.57 -10.10
C GLU B 52 -33.92 -17.06 -10.18
N TRP B 53 -32.79 -16.38 -10.27
CA TRP B 53 -32.78 -14.93 -10.39
C TRP B 53 -33.33 -14.51 -11.75
N VAL B 54 -34.05 -13.40 -11.78
CA VAL B 54 -34.72 -12.97 -12.99
C VAL B 54 -34.25 -11.57 -13.40
N ALA B 55 -34.53 -10.58 -12.57
CA ALA B 55 -34.26 -9.20 -12.92
C ALA B 55 -34.18 -8.36 -11.65
N ALA B 56 -33.61 -7.18 -11.79
CA ALA B 56 -33.43 -6.28 -10.66
C ALA B 56 -33.38 -4.85 -11.16
N ILE B 57 -33.99 -3.94 -10.41
CA ILE B 57 -33.97 -2.51 -10.70
C ILE B 57 -33.54 -1.79 -9.42
N TRP B 58 -32.54 -0.92 -9.55
CA TRP B 58 -31.97 -0.23 -8.41
C TRP B 58 -32.88 0.90 -7.94
N SER B 59 -32.40 1.64 -6.94
CA SER B 59 -33.11 2.82 -6.47
C SER B 59 -32.79 4.02 -7.35
N TYR B 60 -33.78 4.91 -7.48
CA TYR B 60 -33.66 6.13 -8.28
C TYR B 60 -33.31 5.82 -9.74
N GLY B 61 -33.68 4.63 -10.20
CA GLY B 61 -33.39 4.24 -11.57
C GLY B 61 -31.91 4.21 -11.90
N SER B 62 -31.08 3.73 -10.96
CA SER B 62 -29.65 3.67 -11.21
C SER B 62 -29.32 2.70 -12.34
N GLY B 63 -30.00 1.57 -12.39
CA GLY B 63 -29.76 0.60 -13.45
C GLY B 63 -30.73 -0.56 -13.34
N THR B 64 -30.71 -1.39 -14.38
CA THR B 64 -31.57 -2.57 -14.44
C THR B 64 -30.88 -3.60 -15.31
N ARG B 65 -30.68 -4.81 -14.78
CA ARG B 65 -30.02 -5.88 -15.50
C ARG B 65 -30.91 -7.11 -15.50
N TYR B 66 -30.70 -7.97 -16.49
CA TYR B 66 -31.56 -9.13 -16.72
C TYR B 66 -30.71 -10.40 -16.72
N ALA B 67 -31.39 -11.54 -16.83
CA ALA B 67 -30.73 -12.82 -16.95
C ALA B 67 -30.76 -13.27 -18.41
N ASP B 68 -30.29 -14.49 -18.68
CA ASP B 68 -30.21 -14.97 -20.05
C ASP B 68 -31.60 -15.18 -20.66
N SER B 69 -32.58 -15.59 -19.87
CA SER B 69 -33.93 -15.84 -20.36
C SER B 69 -34.89 -14.69 -20.06
N VAL B 70 -34.37 -13.50 -19.80
CA VAL B 70 -35.21 -12.35 -19.46
C VAL B 70 -35.03 -11.24 -20.49
N LYS B 71 -33.84 -11.17 -21.10
CA LYS B 71 -33.56 -10.11 -22.05
C LYS B 71 -34.41 -10.30 -23.30
N GLY B 72 -35.06 -9.23 -23.73
CA GLY B 72 -35.88 -9.24 -24.92
C GLY B 72 -37.23 -9.89 -24.76
N ARG B 73 -37.60 -10.31 -23.56
CA ARG B 73 -38.86 -10.99 -23.34
C ARG B 73 -39.70 -10.36 -22.22
N PHE B 74 -39.06 -9.89 -21.16
CA PHE B 74 -39.76 -9.32 -20.02
C PHE B 74 -39.39 -7.84 -19.88
N THR B 75 -40.26 -7.10 -19.21
CA THR B 75 -40.03 -5.68 -18.93
C THR B 75 -40.56 -5.36 -17.55
N ILE B 76 -39.77 -4.64 -16.76
CA ILE B 76 -40.12 -4.28 -15.39
C ILE B 76 -39.96 -2.77 -15.24
N SER B 77 -40.97 -2.12 -14.65
CA SER B 77 -40.96 -0.69 -14.44
C SER B 77 -41.40 -0.37 -13.02
N ARG B 78 -41.34 0.90 -12.66
CA ARG B 78 -41.68 1.37 -11.32
C ARG B 78 -42.48 2.65 -11.42
N ASP B 79 -43.21 2.95 -10.34
CA ASP B 79 -43.96 4.20 -10.23
C ASP B 79 -43.84 4.71 -8.79
N ASN B 80 -44.15 5.99 -8.62
CA ASN B 80 -44.06 6.62 -7.31
C ASN B 80 -45.41 6.91 -6.67
N ALA B 81 -46.45 7.13 -7.47
CA ALA B 81 -47.76 7.45 -6.91
C ALA B 81 -48.32 6.29 -6.11
N LYS B 82 -48.24 5.07 -6.66
CA LYS B 82 -48.75 3.89 -5.98
C LYS B 82 -47.69 3.18 -5.15
N ASN B 83 -46.42 3.59 -5.27
CA ASN B 83 -45.31 2.97 -4.54
C ASN B 83 -45.28 1.47 -4.77
N THR B 84 -45.21 1.09 -6.04
CA THR B 84 -45.23 -0.31 -6.43
C THR B 84 -44.23 -0.55 -7.56
N VAL B 85 -43.88 -1.82 -7.75
CA VAL B 85 -43.02 -2.26 -8.83
C VAL B 85 -43.84 -3.18 -9.72
N TYR B 86 -43.77 -2.95 -11.04
CA TYR B 86 -44.66 -3.59 -11.99
C TYR B 86 -43.85 -4.38 -13.02
N LEU B 87 -44.37 -5.54 -13.40
CA LEU B 87 -43.75 -6.41 -14.38
C LEU B 87 -44.62 -6.51 -15.63
N GLN B 88 -43.97 -6.54 -16.79
CA GLN B 88 -44.63 -6.83 -18.05
C GLN B 88 -43.84 -7.89 -18.80
N MET B 89 -44.54 -8.71 -19.56
CA MET B 89 -43.93 -9.85 -20.23
C MET B 89 -44.70 -10.15 -21.51
N ASN B 90 -44.04 -10.88 -22.40
CA ASN B 90 -44.64 -11.27 -23.67
C ASN B 90 -43.93 -12.51 -24.19
N SER B 91 -44.57 -13.18 -25.15
CA SER B 91 -44.04 -14.39 -25.79
C SER B 91 -43.70 -15.45 -24.75
N LEU B 92 -44.63 -15.68 -23.84
CA LEU B 92 -44.41 -16.63 -22.75
C LEU B 92 -44.30 -18.05 -23.30
N LYS B 93 -43.49 -18.87 -22.64
CA LYS B 93 -43.21 -20.24 -23.02
C LYS B 93 -43.52 -21.17 -21.87
N PRO B 94 -43.78 -22.45 -22.15
CA PRO B 94 -44.17 -23.38 -21.06
C PRO B 94 -43.17 -23.48 -19.94
N GLU B 95 -41.87 -23.30 -20.22
CA GLU B 95 -40.87 -23.36 -19.16
C GLU B 95 -40.95 -22.19 -18.20
N ASP B 96 -41.73 -21.15 -18.53
CA ASP B 96 -41.87 -19.99 -17.67
C ASP B 96 -42.93 -20.19 -16.58
N THR B 97 -43.62 -21.32 -16.58
CA THR B 97 -44.61 -21.60 -15.55
C THR B 97 -43.92 -21.72 -14.19
N ALA B 98 -44.13 -20.74 -13.33
CA ALA B 98 -43.46 -20.72 -12.04
C ALA B 98 -44.20 -19.78 -11.09
N VAL B 99 -43.88 -19.89 -9.82
CA VAL B 99 -44.38 -18.98 -8.80
C VAL B 99 -43.33 -17.89 -8.60
N TYR B 100 -43.74 -16.64 -8.76
CA TYR B 100 -42.81 -15.52 -8.79
C TYR B 100 -42.79 -14.83 -7.43
N TYR B 101 -41.59 -14.59 -6.92
CA TYR B 101 -41.38 -14.04 -5.58
C TYR B 101 -40.74 -12.66 -5.68
N CYS B 102 -41.26 -11.71 -4.91
CA CYS B 102 -40.78 -10.33 -4.91
C CYS B 102 -39.87 -10.13 -3.70
N LEU B 103 -38.68 -9.60 -3.94
CA LEU B 103 -37.68 -9.37 -2.89
C LEU B 103 -37.31 -7.89 -2.87
N VAL B 104 -37.36 -7.30 -1.68
CA VAL B 104 -37.11 -5.86 -1.56
C VAL B 104 -35.64 -5.52 -1.81
N ARG B 105 -34.72 -6.33 -1.27
CA ARG B 105 -33.31 -6.03 -1.43
C ARG B 105 -32.54 -7.34 -1.52
N VAL B 106 -31.33 -7.26 -2.06
CA VAL B 106 -30.45 -8.42 -2.08
C VAL B 106 -30.09 -8.77 -0.64
N GLY B 107 -30.20 -10.06 -0.30
CA GLY B 107 -29.94 -10.49 1.06
C GLY B 107 -30.80 -9.79 2.08
N SER B 108 -32.07 -9.58 1.77
CA SER B 108 -32.98 -8.87 2.67
C SER B 108 -34.04 -9.83 3.21
N TRP B 109 -34.53 -9.51 4.40
CA TRP B 109 -35.46 -10.36 5.13
C TRP B 109 -36.91 -10.18 4.71
N TYR B 110 -37.19 -9.25 3.81
CA TYR B 110 -38.57 -8.90 3.43
C TYR B 110 -38.83 -9.44 2.03
N HIS B 111 -39.55 -10.56 1.95
CA HIS B 111 -39.92 -11.16 0.69
C HIS B 111 -41.41 -11.44 0.67
N GLY B 112 -42.01 -11.29 -0.51
CA GLY B 112 -43.45 -11.34 -0.64
C GLY B 112 -44.00 -12.75 -0.57
N GLN B 113 -45.33 -12.82 -0.63
CA GLN B 113 -46.02 -14.11 -0.58
C GLN B 113 -45.94 -14.85 -1.91
N GLY B 114 -45.87 -14.13 -3.02
CA GLY B 114 -45.72 -14.76 -4.32
C GLY B 114 -47.03 -14.89 -5.05
N THR B 115 -46.95 -14.92 -6.37
CA THR B 115 -48.10 -15.11 -7.25
C THR B 115 -47.87 -16.31 -8.15
N GLN B 116 -48.97 -16.97 -8.53
CA GLN B 116 -48.93 -18.17 -9.34
C GLN B 116 -49.38 -17.80 -10.74
N VAL B 117 -48.48 -17.88 -11.71
CA VAL B 117 -48.78 -17.57 -13.10
C VAL B 117 -48.45 -18.79 -13.96
N THR B 118 -49.37 -19.15 -14.85
CA THR B 118 -49.27 -20.37 -15.63
C THR B 118 -49.18 -20.01 -17.11
N VAL B 119 -48.24 -20.66 -17.81
CA VAL B 119 -48.13 -20.52 -19.26
C VAL B 119 -48.62 -21.80 -19.91
N SER B 120 -49.91 -21.84 -20.26
CA SER B 120 -50.51 -23.02 -20.87
C SER B 120 -50.19 -23.00 -22.37
N ALA B 121 -49.30 -23.91 -22.78
CA ALA B 121 -48.85 -24.01 -24.17
C ALA B 121 -49.99 -23.83 -25.18
P TFO C . 14.23 3.49 1.30
OP2 TFO C . 14.59 2.18 0.65
OP1 TFO C . 14.24 3.33 2.80
C9' TFO C . 15.49 4.78 0.82
O9' TFO C . 14.90 6.04 0.99
C8' TFO C . 15.56 6.95 -1.11
C7' TFO C . 14.39 6.60 -0.19
C6' TFO C . 13.56 7.83 0.19
N9 TFO C . 12.50 7.44 1.11
C4 TFO C . 11.47 6.63 0.80
N3 TFO C . 11.10 5.99 -0.31
C2 TFO C . 10.01 5.24 -0.32
N1 TFO C . 9.25 5.11 0.75
C6 TFO C . 9.55 5.73 1.88
N6 TFO C . 8.71 5.57 3.06
C5 TFO C . 10.70 6.52 1.95
N7 TFO C . 11.31 7.27 2.89
C8 TFO C . 12.40 7.81 2.37
OP3 TFO C . 12.86 3.91 0.85
CL CL D . 12.81 5.47 6.80
#